data_1HSB
#
_entry.id   1HSB
#
_cell.length_a   59.430
_cell.length_b   78.469
_cell.length_c   111.904
_cell.angle_alpha   90.00
_cell.angle_beta   90.00
_cell.angle_gamma   90.00
#
_symmetry.space_group_name_H-M   'P 21 21 21'
#
loop_
_entity.id
_entity.type
_entity.pdbx_description
1 polymer 'MHC class I antigen'
2 polymer Beta-2-microglobulin
3 polymer 'BOUND PEPTIDE FRAGMENT'
4 non-polymer ALANINE
5 non-polymer ARGININE
6 water water
#
loop_
_entity_poly.entity_id
_entity_poly.type
_entity_poly.pdbx_seq_one_letter_code
_entity_poly.pdbx_strand_id
1 'polypeptide(L)'
;GSHSMRYFYTSVSRPGRGEPRFIAVGYVDDTQFVRFDSDAASQRMEPRAPWIEQEGPEYWDRNTRNVKAQSQTDRVDLGT
LRGYYNQSEAGSHTIQMMYGCDVGSDGRFLRGYRQDAYDGKDYIALKEDLRSWTAADMAAQTTKHKWEAAHVAEQWRAYL
EGTCVEWLRRYLENGKETLQRTDAPKTHMTHHAVSDHEATLRCWALSFYPAEITLTWQRDGEDQTQDTELVETRPAGDGT
FQKWVAVVVPSGQEQRYTCHVQHEGLPKPL
;
A
2 'polypeptide(L)'
;IQRTPKIQVYSRHPAENGKSNFLNCYVSGFHPSDIEVDLLKNGERIEKVEHSDLSFSKDWSFYLLYYTEFTPTEKDEYAC
RVNHVTLSQPKIVKWDRDM
;
B
3 'polypeptide(L)' AVA C
#
# COMPACT_ATOMS: atom_id res chain seq x y z
N GLY A 1 7.53 -20.62 2.77
CA GLY A 1 6.25 -20.07 2.33
C GLY A 1 6.53 -19.54 0.96
N SER A 2 5.43 -19.22 0.29
CA SER A 2 5.43 -18.54 -0.99
C SER A 2 5.83 -17.08 -0.81
N HIS A 3 6.29 -16.46 -1.89
CA HIS A 3 6.85 -15.11 -1.88
C HIS A 3 6.45 -14.49 -3.18
N SER A 4 6.39 -13.17 -3.27
CA SER A 4 6.01 -12.47 -4.47
C SER A 4 6.97 -11.31 -4.66
N MET A 5 7.20 -10.92 -5.92
CA MET A 5 7.88 -9.66 -6.22
C MET A 5 6.88 -8.84 -7.04
N ARG A 6 6.66 -7.55 -6.70
CA ARG A 6 5.67 -6.73 -7.42
C ARG A 6 6.20 -5.34 -7.66
N TYR A 7 5.90 -4.73 -8.82
CA TYR A 7 6.26 -3.35 -9.11
C TYR A 7 4.97 -2.65 -9.39
N PHE A 8 4.90 -1.41 -8.90
CA PHE A 8 3.69 -0.60 -8.97
C PHE A 8 4.14 0.71 -9.60
N TYR A 9 3.50 1.12 -10.69
CA TYR A 9 3.82 2.31 -11.46
C TYR A 9 2.58 3.16 -11.48
N THR A 10 2.74 4.47 -11.41
CA THR A 10 1.62 5.41 -11.50
C THR A 10 2.19 6.61 -12.26
N SER A 11 1.46 7.05 -13.29
CA SER A 11 1.77 8.22 -14.09
C SER A 11 0.56 9.10 -13.98
N VAL A 12 0.73 10.40 -13.73
CA VAL A 12 -0.38 11.36 -13.63
C VAL A 12 -0.14 12.55 -14.58
N SER A 13 -0.94 12.80 -15.61
CA SER A 13 -0.63 13.92 -16.47
C SER A 13 -0.80 15.25 -15.72
N ARG A 14 0.03 16.24 -16.08
CA ARG A 14 0.08 17.57 -15.47
C ARG A 14 -0.16 18.65 -16.55
N PRO A 15 -1.43 18.82 -16.98
CA PRO A 15 -1.82 19.67 -18.10
C PRO A 15 -1.35 21.14 -18.00
N GLY A 16 -1.26 21.69 -16.79
CA GLY A 16 -0.85 23.08 -16.57
C GLY A 16 0.62 23.35 -16.94
N ARG A 17 1.52 22.36 -16.86
CA ARG A 17 2.89 22.59 -17.16
C ARG A 17 3.59 21.26 -16.98
N GLY A 18 4.49 20.99 -17.95
CA GLY A 18 5.39 19.84 -17.89
C GLY A 18 4.82 18.52 -18.33
N GLU A 19 5.50 17.56 -17.82
CA GLU A 19 5.17 16.17 -18.19
C GLU A 19 4.46 15.51 -16.98
N PRO A 20 4.09 14.23 -17.16
CA PRO A 20 3.40 13.59 -16.07
C PRO A 20 4.23 13.32 -14.82
N ARG A 21 3.65 13.30 -13.62
CA ARG A 21 4.37 12.73 -12.50
C ARG A 21 4.49 11.21 -12.70
N PHE A 22 5.64 10.57 -12.58
CA PHE A 22 5.74 9.12 -12.63
C PHE A 22 6.34 8.58 -11.31
N ILE A 23 5.70 7.66 -10.58
CA ILE A 23 6.28 7.05 -9.38
C ILE A 23 6.24 5.54 -9.51
N ALA A 24 7.36 4.87 -9.31
CA ALA A 24 7.49 3.42 -9.36
C ALA A 24 8.01 2.91 -8.02
N VAL A 25 7.43 1.88 -7.44
CA VAL A 25 8.00 1.30 -6.24
C VAL A 25 8.07 -0.23 -6.41
N GLY A 26 9.08 -0.96 -5.91
CA GLY A 26 9.11 -2.39 -6.02
C GLY A 26 9.04 -2.99 -4.65
N TYR A 27 8.45 -4.17 -4.52
CA TYR A 27 8.25 -4.85 -3.24
C TYR A 27 8.67 -6.28 -3.40
N VAL A 28 9.24 -6.83 -2.35
CA VAL A 28 9.29 -8.26 -2.20
C VAL A 28 8.38 -8.51 -1.00
N ASP A 29 7.31 -9.25 -1.25
CA ASP A 29 6.18 -9.47 -0.36
C ASP A 29 5.79 -8.10 0.17
N ASP A 30 5.91 -7.82 1.46
CA ASP A 30 5.44 -6.50 1.93
C ASP A 30 6.58 -5.55 2.22
N THR A 31 7.76 -5.83 1.68
CA THR A 31 8.93 -5.00 1.90
C THR A 31 9.27 -4.18 0.67
N GLN A 32 9.06 -2.87 0.70
CA GLN A 32 9.48 -2.01 -0.38
C GLN A 32 11.01 -2.02 -0.49
N PHE A 33 11.60 -2.23 -1.68
CA PHE A 33 13.04 -2.23 -1.73
C PHE A 33 13.57 -1.26 -2.77
N VAL A 34 12.79 -0.73 -3.72
CA VAL A 34 13.30 0.27 -4.63
C VAL A 34 12.21 1.31 -4.87
N ARG A 35 12.60 2.43 -5.45
CA ARG A 35 11.68 3.47 -5.87
C ARG A 35 12.32 4.37 -6.90
N PHE A 36 11.45 4.98 -7.67
CA PHE A 36 11.83 6.02 -8.59
C PHE A 36 10.73 7.03 -8.46
N ASP A 37 11.07 8.29 -8.40
CA ASP A 37 10.06 9.32 -8.42
C ASP A 37 10.59 10.39 -9.37
N SER A 38 9.82 10.69 -10.43
CA SER A 38 10.26 11.70 -11.40
C SER A 38 10.47 13.12 -10.82
N ASP A 39 9.79 13.45 -9.73
CA ASP A 39 10.00 14.72 -9.06
C ASP A 39 11.25 14.74 -8.16
N ALA A 40 11.86 13.59 -7.86
CA ALA A 40 13.06 13.58 -7.04
C ALA A 40 14.33 13.95 -7.83
N ALA A 41 15.34 14.23 -7.03
CA ALA A 41 16.65 14.67 -7.45
C ALA A 41 17.53 13.68 -8.22
N SER A 42 17.66 12.44 -7.78
CA SER A 42 18.57 11.49 -8.37
C SER A 42 18.38 11.19 -9.85
N GLN A 43 17.07 11.24 -10.22
CA GLN A 43 16.53 10.80 -11.50
C GLN A 43 17.01 9.37 -11.72
N ARG A 44 17.18 8.64 -10.59
CA ARG A 44 17.68 7.28 -10.57
C ARG A 44 16.73 6.38 -9.81
N MET A 45 16.72 5.09 -10.13
CA MET A 45 16.11 4.09 -9.28
C MET A 45 16.97 4.15 -7.97
N GLU A 46 16.32 4.19 -6.81
CA GLU A 46 16.97 4.37 -5.52
C GLU A 46 16.76 3.17 -4.61
N PRO A 47 17.72 2.73 -3.80
CA PRO A 47 17.51 1.65 -2.85
C PRO A 47 16.65 2.05 -1.69
N ARG A 48 15.80 1.14 -1.23
CA ARG A 48 14.93 1.35 -0.08
C ARG A 48 14.97 0.18 0.92
N ALA A 49 15.89 -0.76 0.80
CA ALA A 49 16.02 -1.82 1.79
C ALA A 49 17.51 -2.12 1.79
N PRO A 50 18.16 -2.47 2.92
CA PRO A 50 19.61 -2.63 3.01
C PRO A 50 20.16 -3.69 2.10
N TRP A 51 19.38 -4.74 1.83
CA TRP A 51 19.86 -5.87 1.07
C TRP A 51 19.91 -5.73 -0.45
N ILE A 52 19.41 -4.62 -0.98
CA ILE A 52 19.48 -4.36 -2.41
C ILE A 52 20.67 -3.46 -2.67
N GLU A 53 21.19 -2.85 -1.62
CA GLU A 53 22.26 -1.91 -1.73
C GLU A 53 23.46 -2.48 -2.44
N GLN A 54 23.74 -3.73 -2.14
CA GLN A 54 24.90 -4.36 -2.69
C GLN A 54 24.92 -4.50 -4.19
N GLU A 55 23.77 -4.30 -4.86
CA GLU A 55 23.73 -4.48 -6.29
C GLU A 55 24.67 -3.55 -7.01
N GLY A 56 25.34 -4.01 -8.04
CA GLY A 56 26.32 -3.17 -8.70
C GLY A 56 25.71 -2.07 -9.54
N PRO A 57 26.55 -1.17 -10.07
CA PRO A 57 26.22 -0.08 -11.00
C PRO A 57 25.36 -0.35 -12.25
N GLU A 58 25.48 -1.51 -12.91
CA GLU A 58 24.67 -1.81 -14.10
C GLU A 58 23.30 -2.15 -13.58
N TYR A 59 23.15 -2.82 -12.41
CA TYR A 59 21.84 -3.13 -11.90
C TYR A 59 21.11 -1.78 -11.87
N TRP A 60 21.72 -0.80 -11.18
CA TRP A 60 21.09 0.48 -10.99
C TRP A 60 20.93 1.19 -12.29
N ASP A 61 21.86 1.07 -13.24
CA ASP A 61 21.67 1.69 -14.58
C ASP A 61 20.52 1.14 -15.45
N ARG A 62 20.51 -0.20 -15.54
CA ARG A 62 19.49 -0.95 -16.23
C ARG A 62 18.11 -0.69 -15.62
N ASN A 63 17.99 -0.73 -14.28
CA ASN A 63 16.70 -0.45 -13.63
C ASN A 63 16.27 1.01 -13.83
N THR A 64 17.22 1.95 -13.76
CA THR A 64 16.91 3.34 -14.04
C THR A 64 16.48 3.48 -15.51
N ARG A 65 17.26 2.97 -16.47
CA ARG A 65 16.87 3.05 -17.87
C ARG A 65 15.44 2.48 -18.06
N ASN A 66 15.13 1.35 -17.43
CA ASN A 66 13.88 0.66 -17.69
C ASN A 66 12.68 1.41 -17.24
N VAL A 67 12.80 1.94 -16.04
CA VAL A 67 11.63 2.59 -15.43
C VAL A 67 11.45 3.99 -16.03
N LYS A 68 12.55 4.70 -16.53
CA LYS A 68 12.49 5.89 -17.37
C LYS A 68 11.86 5.68 -18.74
N ALA A 69 12.21 4.60 -19.45
CA ALA A 69 11.53 4.30 -20.70
C ALA A 69 10.05 4.06 -20.38
N GLN A 70 9.68 3.41 -19.24
CA GLN A 70 8.28 3.18 -18.98
C GLN A 70 7.57 4.48 -18.73
N SER A 71 8.21 5.46 -18.11
CA SER A 71 7.53 6.69 -17.83
C SER A 71 7.22 7.43 -19.13
N GLN A 72 8.10 7.27 -20.14
CA GLN A 72 7.94 7.93 -21.42
C GLN A 72 6.85 7.19 -22.18
N THR A 73 6.77 5.85 -22.14
CA THR A 73 5.68 5.07 -22.76
C THR A 73 4.34 5.51 -22.15
N ASP A 74 4.25 5.61 -20.83
CA ASP A 74 3.06 6.14 -20.17
C ASP A 74 2.71 7.56 -20.58
N ARG A 75 3.72 8.41 -20.83
CA ARG A 75 3.47 9.77 -21.28
C ARG A 75 2.72 9.75 -22.63
N VAL A 76 3.25 8.95 -23.55
CA VAL A 76 2.63 8.78 -24.84
C VAL A 76 1.23 8.19 -24.64
N ASP A 77 1.08 7.15 -23.82
CA ASP A 77 -0.17 6.49 -23.63
C ASP A 77 -1.16 7.36 -22.94
N LEU A 78 -0.79 8.30 -22.08
CA LEU A 78 -1.81 9.21 -21.54
C LEU A 78 -2.47 9.97 -22.72
N GLY A 79 -1.64 10.35 -23.72
CA GLY A 79 -2.10 11.05 -24.90
C GLY A 79 -3.03 10.17 -25.67
N THR A 80 -2.59 8.96 -25.93
CA THR A 80 -3.40 8.01 -26.68
C THR A 80 -4.73 7.71 -26.07
N LEU A 81 -4.73 7.35 -24.78
CA LEU A 81 -5.97 7.04 -24.11
C LEU A 81 -6.87 8.26 -24.02
N ARG A 82 -6.29 9.46 -23.88
CA ARG A 82 -7.11 10.68 -23.87
C ARG A 82 -7.91 10.77 -25.18
N GLY A 83 -7.26 10.36 -26.27
CA GLY A 83 -7.86 10.31 -27.58
C GLY A 83 -8.90 9.25 -27.65
N TYR A 84 -8.60 8.05 -27.16
CA TYR A 84 -9.53 6.95 -27.19
C TYR A 84 -10.85 7.27 -26.50
N TYR A 85 -10.79 7.94 -25.33
CA TYR A 85 -11.98 8.27 -24.58
C TYR A 85 -12.58 9.58 -24.96
N ASN A 86 -12.01 10.22 -25.96
CA ASN A 86 -12.40 11.52 -26.46
C ASN A 86 -12.47 12.63 -25.39
N GLN A 87 -11.46 12.72 -24.50
CA GLN A 87 -11.46 13.65 -23.37
C GLN A 87 -10.58 14.84 -23.73
N SER A 88 -10.66 15.97 -23.03
CA SER A 88 -9.91 17.13 -23.46
C SER A 88 -8.56 17.17 -22.87
N GLU A 89 -7.72 17.96 -23.50
CA GLU A 89 -6.35 18.09 -23.07
C GLU A 89 -6.34 18.83 -21.75
N ALA A 90 -7.42 19.36 -21.16
CA ALA A 90 -7.29 20.17 -19.96
C ALA A 90 -7.18 19.40 -18.69
N GLY A 91 -7.81 18.21 -18.59
CA GLY A 91 -7.83 17.48 -17.35
C GLY A 91 -6.66 16.54 -17.14
N SER A 92 -6.41 16.29 -15.88
CA SER A 92 -5.37 15.40 -15.46
C SER A 92 -5.96 13.98 -15.42
N HIS A 93 -5.18 13.01 -15.88
CA HIS A 93 -5.57 11.61 -15.85
C HIS A 93 -4.44 10.75 -15.34
N THR A 94 -4.71 9.46 -15.13
CA THR A 94 -3.82 8.53 -14.48
C THR A 94 -3.76 7.13 -15.15
N ILE A 95 -2.55 6.60 -15.36
CA ILE A 95 -2.38 5.21 -15.75
C ILE A 95 -1.64 4.60 -14.54
N GLN A 96 -2.10 3.43 -14.06
CA GLN A 96 -1.40 2.67 -13.07
C GLN A 96 -1.13 1.30 -13.60
N MET A 97 -0.05 0.62 -13.22
CA MET A 97 0.19 -0.75 -13.65
C MET A 97 0.81 -1.48 -12.47
N MET A 98 0.42 -2.73 -12.25
CA MET A 98 1.06 -3.55 -11.26
C MET A 98 1.46 -4.83 -11.98
N TYR A 99 2.67 -5.32 -11.80
CA TYR A 99 3.04 -6.59 -12.36
C TYR A 99 3.92 -7.34 -11.38
N GLY A 100 4.14 -8.63 -11.60
CA GLY A 100 5.00 -9.40 -10.71
C GLY A 100 4.71 -10.88 -10.76
N CYS A 101 5.33 -11.61 -9.82
CA CYS A 101 5.36 -13.07 -9.84
C CYS A 101 5.46 -13.55 -8.44
N ASP A 102 4.90 -14.75 -8.27
CA ASP A 102 4.99 -15.45 -7.00
C ASP A 102 5.73 -16.74 -7.22
N VAL A 103 6.44 -17.10 -6.15
CA VAL A 103 7.12 -18.38 -6.10
C VAL A 103 6.70 -19.11 -4.83
N GLY A 104 6.66 -20.44 -4.95
CA GLY A 104 6.35 -21.26 -3.77
C GLY A 104 7.57 -21.49 -2.91
N SER A 105 7.39 -22.40 -1.96
CA SER A 105 8.48 -22.59 -1.00
C SER A 105 9.80 -23.12 -1.51
N ASP A 106 9.78 -23.80 -2.65
CA ASP A 106 10.99 -24.31 -3.27
C ASP A 106 11.46 -23.30 -4.30
N GLY A 107 10.81 -22.12 -4.45
CA GLY A 107 11.33 -21.13 -5.36
C GLY A 107 10.81 -21.29 -6.77
N ARG A 108 9.95 -22.26 -7.09
CA ARG A 108 9.44 -22.34 -8.45
C ARG A 108 8.28 -21.39 -8.66
N PHE A 109 8.24 -20.96 -9.91
CA PHE A 109 7.22 -20.05 -10.38
C PHE A 109 5.90 -20.67 -10.06
N LEU A 110 4.99 -19.85 -9.55
CA LEU A 110 3.65 -20.23 -9.23
C LEU A 110 2.75 -19.42 -10.12
N ARG A 111 2.90 -18.09 -10.18
CA ARG A 111 2.02 -17.33 -11.07
C ARG A 111 2.60 -15.97 -11.40
N GLY A 112 2.19 -15.41 -12.55
CA GLY A 112 2.68 -14.12 -12.97
C GLY A 112 1.51 -13.21 -13.23
N TYR A 113 1.60 -11.89 -13.28
CA TYR A 113 0.44 -11.06 -13.53
C TYR A 113 0.95 -9.73 -13.99
N ARG A 114 0.14 -9.03 -14.80
CA ARG A 114 0.50 -7.70 -15.30
C ARG A 114 -0.81 -7.00 -15.69
N GLN A 115 -1.28 -6.07 -14.89
CA GLN A 115 -2.51 -5.44 -15.24
C GLN A 115 -2.38 -3.95 -14.98
N ASP A 116 -3.14 -3.17 -15.75
CA ASP A 116 -3.06 -1.72 -15.60
C ASP A 116 -4.44 -1.09 -15.49
N ALA A 117 -4.52 0.21 -15.33
CA ALA A 117 -5.79 0.86 -15.09
C ALA A 117 -5.68 2.25 -15.63
N TYR A 118 -6.80 2.80 -16.08
CA TYR A 118 -6.88 4.18 -16.55
C TYR A 118 -7.92 4.85 -15.64
N ASP A 119 -7.51 5.91 -14.98
CA ASP A 119 -8.28 6.66 -14.00
C ASP A 119 -8.97 5.82 -12.95
N GLY A 120 -8.18 4.93 -12.38
CA GLY A 120 -8.64 4.07 -11.31
C GLY A 120 -9.58 2.95 -11.70
N LYS A 121 -9.73 2.60 -12.97
CA LYS A 121 -10.58 1.47 -13.35
C LYS A 121 -9.74 0.54 -14.21
N ASP A 122 -9.97 -0.76 -14.18
CA ASP A 122 -9.28 -1.73 -15.04
C ASP A 122 -9.29 -1.29 -16.50
N TYR A 123 -8.15 -1.39 -17.11
CA TYR A 123 -8.01 -1.10 -18.54
C TYR A 123 -7.59 -2.36 -19.30
N ILE A 124 -6.36 -2.82 -19.20
CA ILE A 124 -5.99 -4.11 -19.84
C ILE A 124 -5.07 -4.94 -18.93
N ALA A 125 -5.49 -6.23 -18.83
CA ALA A 125 -4.87 -7.19 -17.96
C ALA A 125 -4.41 -8.42 -18.71
N LEU A 126 -3.23 -8.87 -18.31
CA LEU A 126 -2.75 -10.17 -18.79
C LEU A 126 -3.43 -11.32 -18.06
N LYS A 127 -4.08 -12.29 -18.70
CA LYS A 127 -4.69 -13.41 -18.01
C LYS A 127 -3.67 -14.30 -17.33
N GLU A 128 -4.13 -15.22 -16.50
CA GLU A 128 -3.27 -16.12 -15.73
C GLU A 128 -2.52 -17.10 -16.64
N ASP A 129 -3.05 -17.33 -17.84
CA ASP A 129 -2.35 -18.22 -18.78
C ASP A 129 -1.05 -17.55 -19.28
N LEU A 130 -0.97 -16.21 -19.08
CA LEU A 130 0.09 -15.32 -19.53
C LEU A 130 0.20 -15.40 -21.04
N ARG A 131 -0.92 -15.61 -21.71
CA ARG A 131 -0.98 -15.73 -23.15
C ARG A 131 -2.01 -14.77 -23.74
N SER A 132 -3.05 -14.42 -23.00
CA SER A 132 -4.03 -13.57 -23.60
C SER A 132 -4.40 -12.35 -22.74
N TRP A 133 -5.12 -11.39 -23.31
CA TRP A 133 -5.54 -10.16 -22.63
C TRP A 133 -7.05 -10.07 -22.39
N THR A 134 -7.38 -9.46 -21.26
CA THR A 134 -8.69 -9.00 -20.85
C THR A 134 -8.74 -7.46 -21.00
N ALA A 135 -9.50 -6.98 -21.95
CA ALA A 135 -9.71 -5.58 -22.28
C ALA A 135 -11.03 -5.25 -21.58
N ALA A 136 -11.10 -4.23 -20.72
CA ALA A 136 -12.34 -3.92 -20.03
C ALA A 136 -13.40 -3.16 -20.82
N ASP A 137 -12.98 -2.46 -21.85
CA ASP A 137 -13.87 -1.71 -22.68
C ASP A 137 -13.24 -1.65 -24.07
N MET A 138 -13.82 -0.79 -24.91
CA MET A 138 -13.42 -0.70 -26.29
C MET A 138 -12.13 0.07 -26.53
N ALA A 139 -11.73 0.98 -25.64
CA ALA A 139 -10.45 1.62 -25.82
C ALA A 139 -9.42 0.53 -25.48
N ALA A 140 -9.52 -0.23 -24.39
CA ALA A 140 -8.54 -1.28 -24.10
C ALA A 140 -8.56 -2.34 -25.16
N GLN A 141 -9.67 -2.51 -25.92
CA GLN A 141 -9.81 -3.51 -26.95
C GLN A 141 -8.92 -3.14 -28.13
N THR A 142 -8.86 -1.84 -28.43
CA THR A 142 -7.95 -1.29 -29.43
C THR A 142 -6.53 -1.64 -29.02
N THR A 143 -6.16 -1.41 -27.75
CA THR A 143 -4.83 -1.76 -27.25
C THR A 143 -4.62 -3.26 -27.41
N LYS A 144 -5.62 -4.06 -27.05
CA LYS A 144 -5.51 -5.49 -27.11
C LYS A 144 -5.28 -5.91 -28.58
N HIS A 145 -5.92 -5.30 -29.58
CA HIS A 145 -5.58 -5.64 -30.97
C HIS A 145 -4.16 -5.33 -31.33
N LYS A 146 -3.65 -4.14 -31.02
CA LYS A 146 -2.25 -3.84 -31.26
C LYS A 146 -1.32 -4.86 -30.56
N TRP A 147 -1.65 -5.32 -29.35
CA TRP A 147 -0.70 -6.15 -28.62
C TRP A 147 -0.74 -7.61 -29.07
N GLU A 148 -1.88 -8.04 -29.60
CA GLU A 148 -2.00 -9.38 -30.18
C GLU A 148 -1.17 -9.34 -31.46
N ALA A 149 -1.25 -8.27 -32.27
CA ALA A 149 -0.49 -8.21 -33.51
C ALA A 149 1.03 -8.24 -33.27
N ALA A 150 1.47 -7.53 -32.24
CA ALA A 150 2.84 -7.47 -31.83
C ALA A 150 3.29 -8.53 -30.83
N HIS A 151 2.44 -9.47 -30.39
CA HIS A 151 2.89 -10.52 -29.48
C HIS A 151 3.67 -10.10 -28.24
N VAL A 152 3.10 -9.05 -27.66
CA VAL A 152 3.54 -8.44 -26.41
C VAL A 152 3.36 -9.41 -25.25
N ALA A 153 2.29 -10.23 -25.21
CA ALA A 153 2.07 -11.19 -24.12
C ALA A 153 3.24 -12.16 -23.95
N GLU A 154 3.85 -12.57 -25.09
CA GLU A 154 5.00 -13.44 -25.09
C GLU A 154 6.18 -12.88 -24.30
N GLN A 155 6.47 -11.60 -24.53
CA GLN A 155 7.53 -10.95 -23.78
C GLN A 155 7.23 -10.89 -22.28
N TRP A 156 6.00 -10.51 -21.94
CA TRP A 156 5.64 -10.50 -20.53
C TRP A 156 5.78 -11.88 -19.93
N ARG A 157 5.32 -12.93 -20.63
CA ARG A 157 5.39 -14.29 -20.11
C ARG A 157 6.85 -14.68 -19.89
N ALA A 158 7.74 -14.36 -20.83
CA ALA A 158 9.17 -14.69 -20.69
C ALA A 158 9.78 -14.00 -19.47
N TYR A 159 9.46 -12.72 -19.24
CA TYR A 159 9.93 -12.02 -18.05
C TYR A 159 9.36 -12.58 -16.74
N LEU A 160 8.06 -12.81 -16.64
CA LEU A 160 7.40 -13.23 -15.43
C LEU A 160 7.82 -14.65 -15.05
N GLU A 161 8.03 -15.55 -16.03
CA GLU A 161 8.40 -16.91 -15.70
C GLU A 161 9.93 -17.02 -15.59
N GLY A 162 10.76 -16.05 -16.03
CA GLY A 162 12.22 -16.15 -15.96
C GLY A 162 12.78 -15.09 -15.05
N THR A 163 13.11 -13.93 -15.63
CA THR A 163 13.71 -12.82 -14.91
C THR A 163 13.11 -12.46 -13.56
N CYS A 164 11.78 -12.33 -13.55
CA CYS A 164 11.04 -12.02 -12.33
C CYS A 164 11.31 -13.08 -11.21
N VAL A 165 11.24 -14.35 -11.60
CA VAL A 165 11.43 -15.42 -10.65
C VAL A 165 12.89 -15.53 -10.26
N GLU A 166 13.83 -15.29 -11.19
CA GLU A 166 15.25 -15.42 -10.87
C GLU A 166 15.72 -14.37 -9.85
N TRP A 167 15.31 -13.11 -10.07
CA TRP A 167 15.72 -12.04 -9.19
C TRP A 167 14.99 -12.10 -7.85
N LEU A 168 13.74 -12.58 -7.82
CA LEU A 168 13.04 -12.71 -6.57
C LEU A 168 13.80 -13.76 -5.74
N ARG A 169 14.24 -14.91 -6.34
CA ARG A 169 15.00 -15.86 -5.53
C ARG A 169 16.31 -15.25 -5.04
N ARG A 170 16.97 -14.44 -5.89
CA ARG A 170 18.21 -13.80 -5.48
C ARG A 170 17.99 -12.89 -4.24
N TYR A 171 16.99 -11.99 -4.32
CA TYR A 171 16.55 -11.08 -3.27
C TYR A 171 16.22 -11.86 -2.03
N LEU A 172 15.47 -12.97 -2.13
CA LEU A 172 15.10 -13.75 -0.96
C LEU A 172 16.30 -14.32 -0.20
N GLU A 173 17.33 -14.79 -0.89
CA GLU A 173 18.55 -15.29 -0.27
C GLU A 173 19.29 -14.09 0.29
N ASN A 174 19.46 -13.03 -0.52
CA ASN A 174 20.16 -11.87 -0.04
C ASN A 174 19.53 -11.16 1.13
N GLY A 175 18.24 -10.91 1.23
CA GLY A 175 17.69 -10.26 2.39
C GLY A 175 17.05 -11.31 3.26
N LYS A 176 17.48 -12.56 3.28
CA LYS A 176 16.82 -13.59 4.04
C LYS A 176 16.58 -13.32 5.51
N GLU A 177 17.51 -12.62 6.11
CA GLU A 177 17.43 -12.34 7.53
C GLU A 177 16.19 -11.54 7.88
N THR A 178 15.65 -10.70 6.98
CA THR A 178 14.32 -10.15 7.25
C THR A 178 13.23 -10.75 6.37
N LEU A 179 13.50 -10.97 5.06
CA LEU A 179 12.50 -11.43 4.09
C LEU A 179 11.97 -12.82 4.35
N GLN A 180 12.82 -13.70 4.92
CA GLN A 180 12.32 -15.03 5.23
C GLN A 180 12.06 -15.14 6.74
N ARG A 181 11.81 -14.03 7.43
CA ARG A 181 11.47 -14.09 8.83
C ARG A 181 10.08 -13.49 9.04
N THR A 182 9.25 -14.13 9.87
CA THR A 182 7.93 -13.61 10.20
C THR A 182 8.04 -12.99 11.57
N ASP A 183 7.29 -11.93 11.73
CA ASP A 183 7.24 -11.18 12.96
C ASP A 183 5.78 -11.41 13.36
N ALA A 184 5.58 -12.40 14.22
CA ALA A 184 4.27 -12.74 14.73
C ALA A 184 3.62 -11.51 15.43
N PRO A 185 2.31 -11.20 15.44
CA PRO A 185 1.79 -10.00 16.06
C PRO A 185 1.97 -9.96 17.57
N LYS A 186 2.38 -8.84 18.12
CA LYS A 186 2.46 -8.69 19.54
C LYS A 186 1.04 -8.26 19.94
N THR A 187 0.35 -9.07 20.75
CA THR A 187 -1.04 -8.78 21.03
C THR A 187 -1.36 -8.51 22.49
N HIS A 188 -2.30 -7.60 22.72
CA HIS A 188 -2.82 -7.31 24.04
C HIS A 188 -4.27 -6.80 23.85
N MET A 189 -5.06 -6.68 24.91
CA MET A 189 -6.42 -6.22 24.79
C MET A 189 -6.54 -5.00 25.67
N THR A 190 -7.27 -3.95 25.31
CA THR A 190 -7.51 -2.86 26.22
C THR A 190 -9.02 -2.82 26.54
N HIS A 191 -9.41 -2.18 27.62
CA HIS A 191 -10.80 -2.11 28.09
C HIS A 191 -11.12 -0.65 28.19
N HIS A 192 -12.18 -0.12 27.62
CA HIS A 192 -12.47 1.29 27.73
C HIS A 192 -13.90 1.35 28.20
N ALA A 193 -14.29 1.87 29.36
CA ALA A 193 -15.71 2.03 29.65
C ALA A 193 -16.49 2.94 28.68
N VAL A 194 -17.68 2.56 28.24
CA VAL A 194 -18.51 3.40 27.40
C VAL A 194 -19.70 4.04 28.16
N SER A 195 -19.91 3.52 29.39
CA SER A 195 -20.91 3.96 30.35
C SER A 195 -20.66 3.22 31.66
N ASP A 196 -21.52 3.26 32.68
CA ASP A 196 -21.35 2.56 33.98
C ASP A 196 -21.70 1.08 33.93
N HIS A 197 -22.03 0.60 32.69
CA HIS A 197 -22.37 -0.81 32.44
C HIS A 197 -22.02 -1.34 31.06
N GLU A 198 -21.49 -0.55 30.13
CA GLU A 198 -21.00 -1.07 28.87
C GLU A 198 -19.54 -0.68 28.74
N ALA A 199 -18.78 -1.43 27.93
CA ALA A 199 -17.36 -1.20 27.72
C ALA A 199 -16.97 -1.73 26.37
N THR A 200 -15.94 -1.12 25.81
CA THR A 200 -15.37 -1.60 24.58
C THR A 200 -14.14 -2.39 24.95
N LEU A 201 -13.99 -3.62 24.43
CA LEU A 201 -12.72 -4.31 24.55
C LEU A 201 -12.09 -4.16 23.15
N ARG A 202 -10.85 -3.68 23.07
CA ARG A 202 -10.14 -3.54 21.83
C ARG A 202 -8.99 -4.52 21.79
N CYS A 203 -8.90 -5.42 20.80
CA CYS A 203 -7.84 -6.41 20.64
C CYS A 203 -6.82 -5.89 19.62
N TRP A 204 -5.57 -5.70 20.07
CA TRP A 204 -4.48 -5.13 19.32
C TRP A 204 -3.50 -6.22 18.86
N ALA A 205 -3.19 -6.11 17.57
CA ALA A 205 -2.16 -6.91 16.85
C ALA A 205 -1.16 -5.86 16.43
N LEU A 206 0.05 -5.87 16.96
CA LEU A 206 1.03 -4.85 16.62
C LEU A 206 2.35 -5.44 16.19
N SER A 207 3.04 -4.62 15.40
CA SER A 207 4.38 -4.89 14.94
C SER A 207 4.60 -6.21 14.18
N PHE A 208 3.64 -6.61 13.34
CA PHE A 208 3.75 -7.89 12.65
C PHE A 208 4.12 -7.77 11.18
N TYR A 209 4.67 -8.85 10.62
CA TYR A 209 5.10 -9.00 9.25
C TYR A 209 4.95 -10.48 8.87
N PRO A 210 4.35 -10.89 7.75
CA PRO A 210 3.78 -10.02 6.71
C PRO A 210 2.50 -9.27 7.07
N ALA A 211 1.88 -8.39 6.30
CA ALA A 211 0.65 -7.69 6.66
C ALA A 211 -0.60 -8.54 6.82
N GLU A 212 -0.78 -9.65 6.08
CA GLU A 212 -1.97 -10.51 6.16
C GLU A 212 -2.28 -11.06 7.52
N ILE A 213 -3.47 -10.84 8.00
CA ILE A 213 -3.83 -11.21 9.36
C ILE A 213 -5.34 -11.31 9.44
N THR A 214 -5.80 -12.14 10.36
CA THR A 214 -7.20 -12.18 10.67
C THR A 214 -7.34 -12.10 12.19
N LEU A 215 -8.19 -11.15 12.60
CA LEU A 215 -8.51 -10.76 13.97
C LEU A 215 -10.00 -11.01 14.12
N THR A 216 -10.51 -11.75 15.08
CA THR A 216 -11.93 -11.96 15.18
C THR A 216 -12.23 -12.18 16.66
N TRP A 217 -13.42 -11.81 17.09
CA TRP A 217 -13.98 -11.97 18.43
C TRP A 217 -14.92 -13.16 18.40
N GLN A 218 -14.82 -13.91 19.48
CA GLN A 218 -15.80 -14.95 19.80
C GLN A 218 -16.44 -14.60 21.14
N ARG A 219 -17.71 -14.98 21.30
CA ARG A 219 -18.39 -14.77 22.57
C ARG A 219 -18.82 -16.18 22.81
N ASP A 220 -18.34 -16.68 23.94
CA ASP A 220 -18.58 -18.03 24.40
C ASP A 220 -18.34 -19.07 23.29
N GLY A 221 -17.21 -18.89 22.63
CA GLY A 221 -16.77 -19.81 21.58
C GLY A 221 -17.49 -19.70 20.23
N GLU A 222 -18.26 -18.67 19.92
CA GLU A 222 -18.88 -18.57 18.63
C GLU A 222 -18.56 -17.15 18.16
N ASP A 223 -18.20 -17.05 16.90
CA ASP A 223 -17.75 -15.81 16.27
C ASP A 223 -18.80 -14.76 16.33
N GLN A 224 -18.41 -13.60 16.80
CA GLN A 224 -19.34 -12.50 16.84
C GLN A 224 -18.91 -11.41 15.89
N THR A 225 -19.87 -10.82 15.19
CA THR A 225 -19.55 -9.68 14.37
C THR A 225 -20.41 -8.48 14.75
N GLN A 226 -21.57 -8.69 15.36
CA GLN A 226 -22.40 -7.62 15.90
C GLN A 226 -21.57 -6.93 16.99
N ASP A 227 -21.77 -5.58 16.99
CA ASP A 227 -21.15 -4.64 17.90
C ASP A 227 -19.62 -4.71 17.79
N THR A 228 -19.10 -5.13 16.62
CA THR A 228 -17.66 -5.15 16.53
C THR A 228 -17.20 -4.06 15.57
N GLU A 229 -15.91 -3.68 15.60
CA GLU A 229 -15.33 -2.71 14.70
C GLU A 229 -13.92 -3.21 14.33
N LEU A 230 -13.69 -3.40 13.03
CA LEU A 230 -12.43 -3.91 12.54
C LEU A 230 -11.76 -2.84 11.73
N VAL A 231 -10.60 -2.29 12.12
CA VAL A 231 -9.90 -1.32 11.28
C VAL A 231 -9.05 -1.97 10.17
N GLU A 232 -8.86 -1.23 9.08
CA GLU A 232 -7.97 -1.56 7.97
C GLU A 232 -6.56 -1.72 8.55
N THR A 233 -5.83 -2.80 8.20
CA THR A 233 -4.41 -2.98 8.55
C THR A 233 -3.61 -1.78 8.10
N ARG A 234 -2.78 -1.22 8.95
CA ARG A 234 -2.07 0.01 8.60
C ARG A 234 -0.57 -0.18 8.85
N PRO A 235 0.32 0.57 8.19
CA PRO A 235 1.75 0.48 8.43
C PRO A 235 2.16 1.12 9.74
N ALA A 236 3.06 0.53 10.49
CA ALA A 236 3.61 1.15 11.69
C ALA A 236 4.59 2.25 11.25
N GLY A 237 5.12 2.18 10.02
CA GLY A 237 6.10 3.10 9.53
C GLY A 237 7.50 2.54 9.72
N ASP A 238 7.73 1.37 10.33
CA ASP A 238 9.05 0.77 10.50
C ASP A 238 9.20 -0.59 9.77
N GLY A 239 8.27 -0.85 8.86
CA GLY A 239 8.28 -2.06 8.05
C GLY A 239 7.27 -3.04 8.56
N THR A 240 6.65 -2.78 9.73
CA THR A 240 5.68 -3.71 10.27
C THR A 240 4.27 -3.14 10.25
N PHE A 241 3.26 -3.90 10.64
CA PHE A 241 1.90 -3.47 10.48
C PHE A 241 1.15 -3.62 11.79
N GLN A 242 -0.04 -3.03 11.78
CA GLN A 242 -0.88 -2.92 12.95
C GLN A 242 -2.31 -3.19 12.54
N LYS A 243 -3.10 -3.72 13.47
CA LYS A 243 -4.54 -3.88 13.25
C LYS A 243 -5.18 -4.05 14.59
N TRP A 244 -6.43 -3.60 14.72
CA TRP A 244 -7.20 -3.93 15.92
C TRP A 244 -8.64 -4.26 15.59
N VAL A 245 -9.34 -5.01 16.46
CA VAL A 245 -10.77 -5.24 16.33
C VAL A 245 -11.36 -4.98 17.74
N ALA A 246 -12.54 -4.36 17.89
CA ALA A 246 -13.07 -4.04 19.16
C ALA A 246 -14.51 -4.53 19.21
N VAL A 247 -15.05 -4.78 20.40
CA VAL A 247 -16.42 -5.18 20.58
C VAL A 247 -16.93 -4.41 21.79
N VAL A 248 -18.20 -4.07 21.75
CA VAL A 248 -18.88 -3.47 22.89
C VAL A 248 -19.59 -4.63 23.59
N VAL A 249 -19.36 -4.69 24.90
CA VAL A 249 -19.69 -5.79 25.79
C VAL A 249 -20.43 -5.16 26.98
N PRO A 250 -21.38 -5.85 27.63
CA PRO A 250 -21.93 -5.45 28.93
C PRO A 250 -20.82 -5.57 29.98
N SER A 251 -20.52 -4.55 30.75
CA SER A 251 -19.50 -4.63 31.79
C SER A 251 -19.73 -5.83 32.68
N GLY A 252 -18.68 -6.48 33.13
CA GLY A 252 -18.89 -7.62 34.01
C GLY A 252 -18.87 -8.93 33.21
N GLN A 253 -19.16 -8.85 31.90
CA GLN A 253 -19.23 -10.03 31.03
C GLN A 253 -18.05 -10.22 30.08
N GLU A 254 -16.96 -9.51 30.30
CA GLU A 254 -15.75 -9.59 29.48
C GLU A 254 -15.13 -10.97 29.39
N GLN A 255 -15.19 -11.87 30.36
CA GLN A 255 -14.53 -13.16 30.24
C GLN A 255 -15.19 -14.06 29.20
N ARG A 256 -16.38 -13.70 28.72
CA ARG A 256 -17.05 -14.47 27.68
C ARG A 256 -16.39 -14.22 26.33
N TYR A 257 -15.67 -13.11 26.17
CA TYR A 257 -15.11 -12.73 24.89
C TYR A 257 -13.60 -13.04 24.70
N THR A 258 -13.27 -13.71 23.60
CA THR A 258 -11.91 -14.04 23.32
C THR A 258 -11.57 -13.48 21.97
N CYS A 259 -10.39 -12.90 21.71
CA CYS A 259 -9.98 -12.43 20.41
C CYS A 259 -9.05 -13.49 19.83
N HIS A 260 -9.27 -13.78 18.58
CA HIS A 260 -8.61 -14.87 17.93
C HIS A 260 -7.76 -14.28 16.84
N VAL A 261 -6.49 -14.61 16.90
CA VAL A 261 -5.54 -14.07 15.96
C VAL A 261 -4.89 -15.13 15.09
N GLN A 262 -4.94 -14.85 13.78
CA GLN A 262 -4.41 -15.71 12.76
C GLN A 262 -3.39 -14.96 11.96
N HIS A 263 -2.17 -15.49 11.90
CA HIS A 263 -1.04 -14.88 11.21
C HIS A 263 0.01 -15.95 10.87
N GLU A 264 0.67 -15.89 9.74
CA GLU A 264 1.76 -16.77 9.33
C GLU A 264 2.84 -16.96 10.39
N GLY A 265 3.14 -15.98 11.21
CA GLY A 265 4.15 -16.06 12.23
C GLY A 265 3.77 -16.90 13.42
N LEU A 266 2.53 -17.37 13.39
CA LEU A 266 1.95 -18.18 14.45
C LEU A 266 1.80 -19.60 13.92
N PRO A 267 2.51 -20.71 14.36
CA PRO A 267 2.12 -22.11 14.42
C PRO A 267 0.70 -22.32 14.94
N LYS A 268 -0.20 -22.65 14.00
CA LYS A 268 -1.64 -22.98 14.28
C LYS A 268 -2.34 -21.91 15.14
N PRO A 269 -2.52 -20.68 14.63
CA PRO A 269 -3.11 -19.60 15.42
C PRO A 269 -4.50 -19.96 15.83
N LEU A 270 -5.00 -19.23 16.95
CA LEU A 270 -6.38 -19.29 17.42
C LEU A 270 -6.60 -18.43 18.68
N ILE B 1 -12.60 7.40 -12.21
CA ILE B 1 -13.49 7.30 -11.04
C ILE B 1 -12.86 8.20 -9.98
N GLN B 2 -13.65 8.62 -8.97
CA GLN B 2 -13.13 9.33 -7.81
C GLN B 2 -13.51 8.50 -6.59
N ARG B 3 -12.65 8.52 -5.56
CA ARG B 3 -12.86 7.74 -4.38
C ARG B 3 -12.31 8.57 -3.26
N THR B 4 -13.08 8.65 -2.21
CA THR B 4 -12.74 9.48 -1.06
C THR B 4 -11.71 8.81 -0.17
N PRO B 5 -10.76 9.49 0.43
CA PRO B 5 -9.87 8.88 1.40
C PRO B 5 -10.46 8.40 2.69
N LYS B 6 -10.01 7.20 3.07
CA LYS B 6 -10.14 6.70 4.44
C LYS B 6 -9.01 7.32 5.26
N ILE B 7 -9.18 7.63 6.54
CA ILE B 7 -8.13 8.25 7.33
C ILE B 7 -7.94 7.57 8.67
N GLN B 8 -6.72 7.13 9.06
CA GLN B 8 -6.40 6.68 10.42
C GLN B 8 -5.23 7.51 10.92
N VAL B 9 -5.36 8.11 12.11
CA VAL B 9 -4.31 8.90 12.73
C VAL B 9 -3.91 8.06 13.95
N TYR B 10 -2.62 7.81 14.17
CA TYR B 10 -2.22 6.90 15.24
C TYR B 10 -0.71 7.04 15.45
N SER B 11 -0.22 6.64 16.62
CA SER B 11 1.20 6.67 16.84
C SER B 11 1.81 5.33 16.40
N ARG B 12 3.07 5.39 15.97
CA ARG B 12 3.77 4.15 15.67
C ARG B 12 3.87 3.30 16.95
N HIS B 13 4.27 3.84 18.11
CA HIS B 13 4.45 3.03 19.32
C HIS B 13 3.32 3.29 20.31
N PRO B 14 3.05 2.47 21.35
CA PRO B 14 2.21 2.83 22.48
C PRO B 14 2.56 4.24 22.92
N ALA B 15 1.57 5.11 23.01
CA ALA B 15 1.80 6.47 23.42
C ALA B 15 1.89 6.58 24.95
N GLU B 16 2.91 7.27 25.40
CA GLU B 16 3.23 7.51 26.79
C GLU B 16 3.58 8.98 26.80
N ASN B 17 2.87 9.77 27.58
CA ASN B 17 3.17 11.21 27.59
C ASN B 17 4.61 11.42 27.95
N GLY B 18 5.18 12.37 27.28
CA GLY B 18 6.56 12.67 27.55
C GLY B 18 7.45 11.76 26.79
N LYS B 19 7.04 10.64 26.19
CA LYS B 19 7.98 9.86 25.40
C LYS B 19 7.81 10.09 23.90
N SER B 20 8.96 10.38 23.31
CA SER B 20 9.10 10.55 21.88
C SER B 20 8.59 9.31 21.15
N ASN B 21 7.94 9.60 20.01
CA ASN B 21 7.22 8.60 19.26
C ASN B 21 7.02 9.10 17.83
N PHE B 22 6.18 8.56 16.98
CA PHE B 22 5.95 9.06 15.62
C PHE B 22 4.45 9.11 15.41
N LEU B 23 3.96 10.25 14.90
CA LEU B 23 2.58 10.43 14.55
C LEU B 23 2.43 10.15 13.06
N ASN B 24 1.50 9.24 12.86
CA ASN B 24 1.13 8.76 11.55
C ASN B 24 -0.27 9.18 11.12
N CYS B 25 -0.38 9.52 9.85
CA CYS B 25 -1.65 9.74 9.18
C CYS B 25 -1.63 8.82 7.94
N TYR B 26 -2.41 7.76 7.98
CA TYR B 26 -2.57 6.85 6.87
C TYR B 26 -3.82 7.15 6.07
N VAL B 27 -3.62 7.68 4.87
CA VAL B 27 -4.76 7.95 4.01
C VAL B 27 -4.83 6.86 2.93
N SER B 28 -5.96 6.23 2.68
CA SER B 28 -5.99 5.16 1.73
C SER B 28 -7.36 5.19 1.03
N GLY B 29 -7.60 4.28 0.07
CA GLY B 29 -8.86 4.18 -0.61
C GLY B 29 -9.18 5.37 -1.48
N PHE B 30 -8.27 6.26 -1.85
CA PHE B 30 -8.63 7.46 -2.59
C PHE B 30 -8.20 7.41 -4.05
N HIS B 31 -8.90 8.16 -4.92
CA HIS B 31 -8.55 8.27 -6.32
C HIS B 31 -9.12 9.61 -6.78
N PRO B 32 -8.48 10.53 -7.53
CA PRO B 32 -7.07 10.50 -7.92
C PRO B 32 -6.02 10.60 -6.79
N SER B 33 -4.73 10.44 -7.11
CA SER B 33 -3.63 10.48 -6.17
C SER B 33 -3.31 11.81 -5.58
N ASP B 34 -3.77 12.89 -6.19
CA ASP B 34 -3.44 14.17 -5.59
C ASP B 34 -4.29 14.40 -4.39
N ILE B 35 -3.60 14.79 -3.31
CA ILE B 35 -4.20 14.92 -1.98
C ILE B 35 -3.33 15.86 -1.13
N GLU B 36 -3.83 16.48 -0.07
CA GLU B 36 -3.02 17.38 0.73
C GLU B 36 -3.26 16.87 2.13
N VAL B 37 -2.19 16.52 2.81
CA VAL B 37 -2.24 15.95 4.14
C VAL B 37 -1.29 16.73 5.00
N ASP B 38 -1.81 17.20 6.11
CA ASP B 38 -1.03 17.98 7.05
C ASP B 38 -1.17 17.37 8.42
N LEU B 39 -0.09 17.32 9.18
CA LEU B 39 -0.23 16.87 10.58
C LEU B 39 -0.26 18.18 11.39
N LEU B 40 -1.13 18.21 12.38
CA LEU B 40 -1.38 19.39 13.16
C LEU B 40 -1.15 19.20 14.65
N LYS B 41 -0.51 20.19 15.28
CA LYS B 41 -0.38 20.25 16.72
C LYS B 41 -1.07 21.53 17.19
N ASN B 42 -2.11 21.38 18.03
CA ASN B 42 -2.91 22.50 18.56
C ASN B 42 -3.32 23.35 17.38
N GLY B 43 -3.88 22.73 16.36
CA GLY B 43 -4.31 23.44 15.17
C GLY B 43 -3.21 23.87 14.23
N GLU B 44 -1.94 24.09 14.57
CA GLU B 44 -0.95 24.55 13.60
C GLU B 44 -0.36 23.35 12.92
N ARG B 45 0.08 23.66 11.72
CA ARG B 45 0.73 22.72 10.85
C ARG B 45 2.14 22.37 11.28
N ILE B 46 2.46 21.09 11.42
CA ILE B 46 3.82 20.65 11.69
C ILE B 46 4.58 20.77 10.35
N GLU B 47 5.86 21.14 10.51
CA GLU B 47 6.74 21.55 9.42
C GLU B 47 7.50 20.42 8.72
N LYS B 48 8.30 19.58 9.38
CA LYS B 48 8.99 18.55 8.60
C LYS B 48 8.21 17.21 8.68
N VAL B 49 7.07 17.15 8.00
CA VAL B 49 6.31 15.91 7.89
C VAL B 49 6.75 15.22 6.60
N GLU B 50 6.91 13.93 6.73
CA GLU B 50 7.44 13.05 5.68
C GLU B 50 6.33 12.15 5.14
N HIS B 51 6.39 11.57 3.92
CA HIS B 51 5.44 10.54 3.53
C HIS B 51 6.04 9.44 2.68
N SER B 52 5.41 8.26 2.63
CA SER B 52 5.87 7.15 1.81
C SER B 52 5.71 7.44 0.31
N ASP B 53 6.24 6.56 -0.50
CA ASP B 53 6.14 6.61 -1.95
C ASP B 53 4.80 6.04 -2.31
N LEU B 54 4.09 6.76 -3.14
CA LEU B 54 2.74 6.42 -3.56
C LEU B 54 2.63 5.03 -4.09
N SER B 55 1.68 4.32 -3.56
CA SER B 55 1.42 2.98 -4.02
C SER B 55 -0.09 2.88 -3.95
N PHE B 56 -0.64 1.74 -4.34
CA PHE B 56 -2.08 1.54 -4.42
C PHE B 56 -2.53 0.11 -4.07
N SER B 57 -3.81 -0.13 -3.79
CA SER B 57 -4.37 -1.40 -3.44
C SER B 57 -4.92 -2.16 -4.64
N LYS B 58 -5.53 -3.35 -4.43
CA LYS B 58 -5.96 -4.14 -5.58
C LYS B 58 -6.98 -3.42 -6.45
N ASP B 59 -7.82 -2.52 -5.83
CA ASP B 59 -8.89 -1.87 -6.60
C ASP B 59 -8.37 -0.58 -7.25
N TRP B 60 -7.06 -0.39 -7.29
CA TRP B 60 -6.27 0.70 -7.86
C TRP B 60 -6.42 1.98 -7.02
N SER B 61 -6.97 1.92 -5.83
CA SER B 61 -7.06 3.13 -4.99
C SER B 61 -5.78 3.29 -4.17
N PHE B 62 -5.32 4.56 -4.09
CA PHE B 62 -4.05 4.86 -3.50
C PHE B 62 -3.99 4.88 -1.97
N TYR B 63 -2.75 4.77 -1.48
CA TYR B 63 -2.46 5.01 -0.07
C TYR B 63 -1.10 5.65 0.14
N LEU B 64 -1.01 6.46 1.20
CA LEU B 64 0.19 7.18 1.60
C LEU B 64 0.22 7.22 3.12
N LEU B 65 1.41 7.08 3.69
CA LEU B 65 1.61 7.28 5.11
C LEU B 65 2.36 8.61 5.28
N TYR B 66 1.80 9.54 6.04
CA TYR B 66 2.49 10.77 6.41
C TYR B 66 2.91 10.58 7.85
N TYR B 67 4.09 11.04 8.24
CA TYR B 67 4.55 10.77 9.60
C TYR B 67 5.50 11.84 10.05
N THR B 68 5.60 12.04 11.36
CA THR B 68 6.56 12.94 11.91
C THR B 68 6.84 12.48 13.35
N GLU B 69 8.03 12.77 13.80
CA GLU B 69 8.39 12.45 15.16
C GLU B 69 7.50 13.33 16.06
N PHE B 70 6.98 12.86 17.21
CA PHE B 70 6.28 13.73 18.15
C PHE B 70 6.34 13.19 19.57
N THR B 71 5.98 13.98 20.58
CA THR B 71 5.87 13.51 21.94
C THR B 71 4.45 13.74 22.38
N PRO B 72 3.73 12.66 22.69
CA PRO B 72 2.39 12.79 23.26
C PRO B 72 2.50 13.56 24.59
N THR B 73 1.50 14.37 24.95
CA THR B 73 1.43 15.06 26.22
C THR B 73 -0.03 15.07 26.63
N GLU B 74 -0.28 15.52 27.85
CA GLU B 74 -1.65 15.60 28.34
C GLU B 74 -2.41 16.70 27.67
N LYS B 75 -1.83 17.86 27.38
CA LYS B 75 -2.66 18.89 26.80
C LYS B 75 -2.54 19.15 25.31
N ASP B 76 -1.50 18.72 24.61
CA ASP B 76 -1.50 18.89 23.15
C ASP B 76 -2.44 18.04 22.31
N GLU B 77 -3.06 18.71 21.36
CA GLU B 77 -4.00 18.00 20.51
C GLU B 77 -3.33 17.80 19.18
N TYR B 78 -3.36 16.61 18.66
CA TYR B 78 -2.78 16.33 17.38
C TYR B 78 -3.93 15.82 16.56
N ALA B 79 -3.74 16.08 15.26
CA ALA B 79 -4.73 15.78 14.24
C ALA B 79 -4.08 15.66 12.86
N CYS B 80 -4.89 15.16 11.95
CA CYS B 80 -4.52 15.06 10.55
C CYS B 80 -5.61 15.75 9.74
N ARG B 81 -5.20 16.58 8.77
CA ARG B 81 -6.04 17.46 7.97
C ARG B 81 -5.79 17.02 6.53
N VAL B 82 -6.86 16.62 5.87
CA VAL B 82 -6.76 16.01 4.57
C VAL B 82 -7.63 16.76 3.62
N ASN B 83 -7.14 17.09 2.43
CA ASN B 83 -7.99 17.74 1.47
C ASN B 83 -7.88 16.94 0.18
N HIS B 84 -8.97 16.74 -0.56
CA HIS B 84 -8.96 15.96 -1.78
C HIS B 84 -10.10 16.37 -2.66
N VAL B 85 -10.09 16.17 -3.96
CA VAL B 85 -11.17 16.57 -4.85
C VAL B 85 -12.54 16.10 -4.39
N THR B 86 -12.64 14.96 -3.74
CA THR B 86 -13.92 14.49 -3.30
C THR B 86 -14.45 15.16 -2.05
N LEU B 87 -13.69 16.06 -1.44
CA LEU B 87 -14.11 16.65 -0.17
C LEU B 87 -14.52 18.10 -0.38
N SER B 88 -15.69 18.57 0.09
CA SER B 88 -16.01 20.01 -0.11
C SER B 88 -15.24 20.98 0.81
N GLN B 89 -14.81 20.47 1.97
CA GLN B 89 -13.89 21.18 2.85
C GLN B 89 -12.85 20.14 3.35
N PRO B 90 -11.68 20.55 3.87
CA PRO B 90 -10.75 19.61 4.48
C PRO B 90 -11.37 18.80 5.59
N LYS B 91 -10.90 17.56 5.73
CA LYS B 91 -11.39 16.64 6.75
C LYS B 91 -10.36 16.70 7.88
N ILE B 92 -10.69 17.05 9.12
CA ILE B 92 -9.71 16.98 10.19
C ILE B 92 -10.08 15.80 11.08
N VAL B 93 -9.16 14.89 11.34
CA VAL B 93 -9.40 13.72 12.17
C VAL B 93 -8.39 13.89 13.33
N LYS B 94 -8.91 13.95 14.57
CA LYS B 94 -8.09 14.16 15.77
C LYS B 94 -7.49 12.82 16.19
N TRP B 95 -6.22 12.88 16.57
CA TRP B 95 -5.57 11.71 17.12
C TRP B 95 -6.13 11.32 18.47
N ASP B 96 -6.58 10.08 18.56
CA ASP B 96 -7.01 9.50 19.80
C ASP B 96 -5.99 8.39 20.07
N ARG B 97 -5.31 8.40 21.20
CA ARG B 97 -4.30 7.41 21.50
C ARG B 97 -4.85 6.02 21.77
N ASP B 98 -6.15 5.86 21.94
CA ASP B 98 -6.69 4.54 22.18
C ASP B 98 -6.97 3.85 20.87
N MET B 99 -6.74 4.46 19.71
CA MET B 99 -7.03 3.77 18.47
C MET B 99 -6.00 3.85 17.34
N ALA C 1 14.21 -6.99 -10.16
CA ALA C 1 14.68 -6.26 -11.32
C ALA C 1 13.46 -6.04 -12.21
N VAL C 2 13.23 -4.81 -12.62
CA VAL C 2 12.10 -4.39 -13.45
C VAL C 2 12.00 -4.97 -14.85
N ALA C 3 10.82 -5.04 -15.44
CA ALA C 3 10.59 -5.52 -16.79
C ALA C 3 11.27 -4.66 -17.85
#